data_7N8S
#
_entry.id   7N8S
#
_cell.length_a   91.613
_cell.length_b   91.613
_cell.length_c   229.822
_cell.angle_alpha   90.000
_cell.angle_beta   90.000
_cell.angle_gamma   120.000
#
_symmetry.space_group_name_H-M   'P 61 2 2'
#
loop_
_entity.id
_entity.type
_entity.pdbx_description
1 polymer 'LINE-1 retrotransposable element ORF2 protein'
2 polymer "DNA (5'-D(*CP*CP*TP*TP*AP*AP*AP*AP*AP*GP*GP*AP*GP*CP*T)-3')"
3 polymer "DNA (5'-D(*GP*CP*TP*CP*CP*TP*TP*TP*TP*TP*AP*AP*GP*GP*A)-3')"
#
loop_
_entity_poly.entity_id
_entity_poly.type
_entity_poly.pdbx_seq_one_letter_code
_entity_poly.pdbx_strand_id
1 'polypeptide(L)'
;MTGSNSHITILTLNINGLNSAIKRHRLASWIKSQDPSVCCIQETHLTCRDTHRLKIKGWRKIYQANGKQKKAGVAILVSD
KTDFKPTKIKRDKEGHYIMVKGSIQQEELTILNIYAPNTGAPRFIKQVLSDLQRDLDSHTLIMGAFNTPLSTLDRSTRQK
VNKDTQELNSALHQADLIDIYRTLHPKSTEYTFFSAPHHTYSKIDHIVGSKALLSKCKRTEIITNKLSDHSAIKLELR
;
A
2 'polydeoxyribonucleotide' (DC)(DC)(DT)(DT)(DA)(DA)(DA)(DA)(DA)(DG)(DG)(DA)(DG)(DC)(DT) D
3 'polydeoxyribonucleotide' (DG)(DC)(DT)(DC)(DC)(DT)(DT)(DT)(DT)(DT)(DA)(DA)(DG)(DG)(DA) C
#
# COMPACT_ATOMS: atom_id res chain seq x y z
N HIS A 7 -17.78 -8.32 1.91
CA HIS A 7 -16.91 -8.85 2.95
C HIS A 7 -15.47 -8.98 2.44
N ILE A 8 -15.00 -7.97 1.71
CA ILE A 8 -13.73 -8.04 0.99
C ILE A 8 -12.58 -7.61 1.92
N THR A 9 -11.40 -8.18 1.67
CA THR A 9 -10.21 -7.93 2.47
C THR A 9 -9.07 -7.43 1.59
N ILE A 10 -8.37 -6.41 2.08
CA ILE A 10 -7.26 -5.79 1.35
C ILE A 10 -5.99 -5.96 2.18
N LEU A 11 -4.89 -6.34 1.52
CA LEU A 11 -3.66 -6.73 2.22
C LEU A 11 -2.47 -6.04 1.57
N THR A 12 -1.83 -5.13 2.30
CA THR A 12 -0.69 -4.36 1.82
C THR A 12 0.61 -4.96 2.35
N LEU A 13 1.65 -4.99 1.51
CA LEU A 13 2.93 -5.56 1.90
C LEU A 13 4.07 -4.97 1.09
N ASN A 14 5.13 -4.59 1.79
CA ASN A 14 6.40 -4.21 1.16
C ASN A 14 7.25 -5.47 1.08
N ILE A 15 7.29 -6.09 -0.10
CA ILE A 15 7.91 -7.41 -0.24
C ILE A 15 9.43 -7.34 -0.33
N ASN A 16 10.00 -6.18 -0.65
CA ASN A 16 11.44 -5.98 -0.70
C ASN A 16 12.09 -7.00 -1.66
N GLY A 17 11.77 -6.81 -2.94
CA GLY A 17 12.41 -7.58 -4.00
C GLY A 17 11.72 -8.88 -4.35
N LEU A 18 11.56 -9.16 -5.65
CA LEU A 18 10.90 -10.38 -6.09
C LEU A 18 11.62 -11.04 -7.26
N ASN A 19 12.92 -10.77 -7.44
CA ASN A 19 13.64 -11.21 -8.63
C ASN A 19 14.16 -12.63 -8.55
N SER A 20 13.84 -13.37 -7.48
CA SER A 20 14.17 -14.79 -7.38
C SER A 20 12.88 -15.59 -7.46
N ALA A 21 12.86 -16.63 -8.29
CA ALA A 21 11.65 -17.43 -8.47
C ALA A 21 11.25 -18.14 -7.17
N ILE A 22 12.23 -18.47 -6.33
CA ILE A 22 11.95 -19.16 -5.08
C ILE A 22 11.12 -18.28 -4.16
N LYS A 23 11.57 -17.04 -3.96
CA LYS A 23 10.77 -16.11 -3.16
C LYS A 23 9.41 -15.84 -3.82
N ARG A 24 9.35 -15.91 -5.16
CA ARG A 24 8.07 -15.71 -5.83
C ARG A 24 7.09 -16.82 -5.48
N HIS A 25 7.55 -18.07 -5.44
CA HIS A 25 6.65 -19.16 -5.02
C HIS A 25 6.31 -19.05 -3.54
N ARG A 26 7.25 -18.58 -2.72
CA ARG A 26 6.95 -18.38 -1.30
C ARG A 26 5.84 -17.34 -1.12
N LEU A 27 5.95 -16.22 -1.83
CA LEU A 27 4.91 -15.20 -1.79
C LEU A 27 3.59 -15.75 -2.34
N ALA A 28 3.67 -16.59 -3.37
CA ALA A 28 2.46 -17.25 -3.88
C ALA A 28 1.74 -17.98 -2.75
N SER A 29 2.45 -18.90 -2.09
CA SER A 29 1.85 -19.69 -1.01
C SER A 29 1.31 -18.79 0.10
N TRP A 30 2.08 -17.76 0.46
CA TRP A 30 1.62 -16.84 1.51
C TRP A 30 0.32 -16.16 1.12
N ILE A 31 0.21 -15.72 -0.13
CA ILE A 31 -0.99 -15.01 -0.57
C ILE A 31 -2.19 -15.97 -0.60
N LYS A 32 -1.97 -17.21 -1.06
CA LYS A 32 -3.05 -18.19 -1.02
C LYS A 32 -3.53 -18.42 0.41
N SER A 33 -2.59 -18.57 1.34
CA SER A 33 -2.97 -18.76 2.74
C SER A 33 -3.72 -17.55 3.30
N GLN A 34 -3.31 -16.34 2.91
CA GLN A 34 -3.96 -15.14 3.46
C GLN A 34 -5.33 -14.92 2.85
N ASP A 35 -5.54 -15.36 1.61
CA ASP A 35 -6.79 -15.17 0.88
C ASP A 35 -7.31 -13.73 0.92
N PRO A 36 -6.57 -12.77 0.37
CA PRO A 36 -7.12 -11.41 0.28
C PRO A 36 -7.89 -11.17 -1.01
N SER A 37 -8.98 -10.42 -0.88
CA SER A 37 -9.70 -9.96 -2.07
C SER A 37 -8.76 -9.15 -2.97
N VAL A 38 -8.03 -8.20 -2.37
CA VAL A 38 -7.04 -7.41 -3.10
C VAL A 38 -5.75 -7.42 -2.29
N CYS A 39 -4.62 -7.52 -3.00
CA CYS A 39 -3.31 -7.52 -2.37
C CYS A 39 -2.44 -6.48 -3.06
N CYS A 40 -1.86 -5.58 -2.27
CA CYS A 40 -1.02 -4.50 -2.79
C CYS A 40 0.42 -4.80 -2.41
N ILE A 41 1.27 -4.96 -3.42
CA ILE A 41 2.69 -5.23 -3.22
C ILE A 41 3.47 -3.99 -3.59
N GLN A 42 4.45 -3.63 -2.76
CA GLN A 42 5.35 -2.53 -3.05
C GLN A 42 6.78 -3.03 -3.09
N GLU A 43 7.60 -2.36 -3.91
CA GLU A 43 9.02 -2.68 -4.04
C GLU A 43 9.22 -4.11 -4.54
N THR A 44 8.53 -4.46 -5.63
CA THR A 44 8.78 -5.74 -6.28
C THR A 44 10.16 -5.81 -6.90
N HIS A 45 10.78 -4.65 -7.14
CA HIS A 45 12.07 -4.57 -7.84
C HIS A 45 12.00 -5.25 -9.19
N LEU A 46 10.80 -5.33 -9.74
CA LEU A 46 10.58 -5.93 -11.05
C LEU A 46 10.66 -4.85 -12.10
N THR A 47 11.48 -5.08 -13.10
CA THR A 47 11.49 -4.23 -14.26
C THR A 47 10.48 -4.75 -15.26
N CYS A 48 10.08 -3.83 -16.14
CA CYS A 48 8.93 -4.00 -17.01
C CYS A 48 9.19 -5.21 -17.91
N ARG A 49 10.44 -5.38 -18.34
CA ARG A 49 10.83 -6.57 -19.10
C ARG A 49 10.42 -7.85 -18.37
N ASP A 50 10.44 -7.82 -17.05
CA ASP A 50 10.15 -8.97 -16.20
C ASP A 50 8.72 -8.95 -15.64
N THR A 51 7.89 -8.01 -16.07
CA THR A 51 6.50 -7.91 -15.59
C THR A 51 5.79 -9.26 -15.61
N HIS A 52 5.96 -10.02 -16.71
CA HIS A 52 5.21 -11.26 -16.89
C HIS A 52 5.60 -12.35 -15.90
N ARG A 53 6.67 -12.17 -15.12
CA ARG A 53 7.11 -13.22 -14.22
C ARG A 53 6.29 -13.29 -12.93
N LEU A 54 5.54 -12.24 -12.62
CA LEU A 54 4.70 -12.21 -11.42
C LEU A 54 3.37 -12.87 -11.75
N LYS A 55 3.25 -14.15 -11.44
CA LYS A 55 2.00 -14.89 -11.63
C LYS A 55 1.75 -15.74 -10.39
N ILE A 56 0.56 -15.64 -9.85
CA ILE A 56 0.18 -16.34 -8.62
C ILE A 56 -1.17 -17.00 -8.87
N LYS A 57 -1.20 -18.33 -8.86
CA LYS A 57 -2.42 -19.06 -9.16
C LYS A 57 -3.54 -18.67 -8.19
N GLY A 58 -4.70 -18.37 -8.75
CA GLY A 58 -5.81 -17.83 -7.98
C GLY A 58 -5.90 -16.32 -7.98
N TRP A 59 -4.88 -15.63 -8.48
CA TRP A 59 -4.88 -14.17 -8.64
C TRP A 59 -4.45 -13.86 -10.07
N ARG A 60 -5.39 -14.01 -11.01
CA ARG A 60 -5.07 -13.83 -12.42
C ARG A 60 -4.87 -12.36 -12.77
N LYS A 61 -5.74 -11.49 -12.29
CA LYS A 61 -5.65 -10.06 -12.59
C LYS A 61 -4.57 -9.42 -11.72
N ILE A 62 -3.51 -8.93 -12.36
CA ILE A 62 -2.40 -8.27 -11.69
C ILE A 62 -2.04 -7.02 -12.48
N TYR A 63 -2.09 -5.87 -11.83
CA TYR A 63 -1.74 -4.59 -12.44
C TYR A 63 -0.55 -4.01 -11.69
N GLN A 64 0.62 -4.04 -12.32
CA GLN A 64 1.82 -3.50 -11.71
C GLN A 64 2.19 -2.16 -12.36
N ALA A 65 3.23 -1.53 -11.82
CA ALA A 65 3.88 -0.39 -12.45
C ALA A 65 5.37 -0.50 -12.16
N ASN A 66 6.16 -0.62 -13.22
CA ASN A 66 7.57 -0.95 -13.10
C ASN A 66 8.41 0.07 -13.88
N GLY A 67 9.54 0.45 -13.29
CA GLY A 67 10.57 1.20 -13.99
C GLY A 67 11.48 0.26 -14.76
N LYS A 68 12.52 0.84 -15.36
CA LYS A 68 13.48 0.08 -16.15
C LYS A 68 14.74 -0.28 -15.35
N GLN A 69 14.65 -0.26 -14.01
CA GLN A 69 15.72 -0.72 -13.14
C GLN A 69 15.12 -1.53 -12.01
N LYS A 70 15.90 -2.49 -11.50
CA LYS A 70 15.41 -3.39 -10.44
C LYS A 70 15.26 -2.63 -9.12
N LYS A 71 14.41 -1.62 -9.14
CA LYS A 71 14.10 -0.79 -7.98
C LYS A 71 12.61 -0.55 -8.00
N ALA A 72 12.06 -0.22 -6.84
CA ALA A 72 10.63 0.19 -6.73
C ALA A 72 9.78 -0.94 -7.32
N GLY A 73 8.74 -0.63 -8.11
CA GLY A 73 7.88 -1.65 -8.66
C GLY A 73 6.70 -2.00 -7.78
N VAL A 74 5.51 -1.48 -8.12
CA VAL A 74 4.30 -1.73 -7.34
C VAL A 74 3.44 -2.73 -8.10
N ALA A 75 2.44 -3.29 -7.41
CA ALA A 75 1.51 -4.21 -8.06
C ALA A 75 0.24 -4.34 -7.23
N ILE A 76 -0.87 -4.58 -7.92
CA ILE A 76 -2.17 -4.80 -7.31
C ILE A 76 -2.72 -6.11 -7.87
N LEU A 77 -2.94 -7.09 -6.99
CA LEU A 77 -3.45 -8.40 -7.36
C LEU A 77 -4.90 -8.51 -6.91
N VAL A 78 -5.76 -9.04 -7.77
CA VAL A 78 -7.18 -9.21 -7.46
C VAL A 78 -7.50 -10.70 -7.46
N SER A 79 -8.24 -11.13 -6.44
CA SER A 79 -8.59 -12.55 -6.30
C SER A 79 -9.59 -12.98 -7.36
N ASP A 80 -9.38 -14.18 -7.90
CA ASP A 80 -10.34 -14.74 -8.86
C ASP A 80 -11.72 -14.91 -8.22
N LYS A 81 -11.77 -15.12 -6.91
CA LYS A 81 -13.05 -15.28 -6.21
C LYS A 81 -13.88 -14.01 -6.25
N THR A 82 -13.24 -12.85 -6.27
CA THR A 82 -13.94 -11.58 -6.29
C THR A 82 -14.10 -11.07 -7.71
N ASP A 83 -14.88 -10.01 -7.87
CA ASP A 83 -15.16 -9.41 -9.15
C ASP A 83 -14.63 -7.99 -9.17
N PHE A 84 -13.95 -7.64 -10.26
CA PHE A 84 -13.22 -6.38 -10.35
C PHE A 84 -13.39 -5.83 -11.76
N LYS A 85 -14.05 -4.68 -11.88
CA LYS A 85 -14.32 -4.04 -13.17
C LYS A 85 -13.61 -2.69 -13.18
N PRO A 86 -12.39 -2.61 -13.71
CA PRO A 86 -11.65 -1.35 -13.65
C PRO A 86 -12.08 -0.37 -14.72
N THR A 87 -12.17 0.90 -14.33
CA THR A 87 -12.47 1.99 -15.27
C THR A 87 -11.18 2.46 -15.95
N LYS A 88 -10.32 3.13 -15.20
CA LYS A 88 -9.10 3.71 -15.71
C LYS A 88 -7.95 3.38 -14.77
N ILE A 89 -6.78 3.11 -15.35
CA ILE A 89 -5.57 2.76 -14.61
C ILE A 89 -4.48 3.76 -14.98
N LYS A 90 -3.82 4.32 -13.98
CA LYS A 90 -2.68 5.20 -14.19
C LYS A 90 -1.44 4.53 -13.60
N ARG A 91 -0.43 4.32 -14.45
CA ARG A 91 0.82 3.67 -14.05
C ARG A 91 1.94 4.70 -14.07
N ASP A 92 2.60 4.88 -12.93
CA ASP A 92 3.76 5.76 -12.85
C ASP A 92 4.83 5.32 -13.84
N LYS A 93 5.44 6.30 -14.52
CA LYS A 93 6.48 5.99 -15.49
C LYS A 93 7.70 5.37 -14.81
N GLU A 94 7.97 5.75 -13.56
CA GLU A 94 9.13 5.27 -12.81
C GLU A 94 8.85 4.02 -12.00
N GLY A 95 7.57 3.67 -11.79
CA GLY A 95 7.23 2.50 -11.03
C GLY A 95 7.04 2.73 -9.54
N HIS A 96 6.60 3.92 -9.14
CA HIS A 96 6.46 4.24 -7.73
C HIS A 96 5.03 4.22 -7.23
N TYR A 97 4.05 4.35 -8.12
CA TYR A 97 2.65 4.25 -7.75
C TYR A 97 1.86 3.69 -8.93
N ILE A 98 0.73 3.07 -8.62
CA ILE A 98 -0.24 2.68 -9.63
C ILE A 98 -1.63 2.91 -9.06
N MET A 99 -2.48 3.58 -9.83
CA MET A 99 -3.85 3.84 -9.43
C MET A 99 -4.78 3.00 -10.31
N VAL A 100 -5.61 2.19 -9.66
CA VAL A 100 -6.62 1.38 -10.34
C VAL A 100 -7.99 1.88 -9.90
N LYS A 101 -8.83 2.24 -10.86
CA LYS A 101 -10.13 2.82 -10.58
C LYS A 101 -11.21 1.95 -11.20
N GLY A 102 -12.27 1.68 -10.43
CA GLY A 102 -13.37 0.90 -10.95
C GLY A 102 -14.37 0.43 -9.92
N SER A 103 -14.65 -0.87 -9.91
CA SER A 103 -15.71 -1.44 -9.10
C SER A 103 -15.25 -2.78 -8.52
N ILE A 104 -15.49 -2.96 -7.22
CA ILE A 104 -15.28 -4.23 -6.54
C ILE A 104 -16.61 -4.62 -5.91
N GLN A 105 -17.11 -5.80 -6.28
CA GLN A 105 -18.44 -6.26 -5.86
C GLN A 105 -19.47 -5.16 -6.08
N GLN A 106 -19.45 -4.59 -7.29
CA GLN A 106 -20.40 -3.60 -7.77
C GLN A 106 -20.23 -2.24 -7.10
N GLU A 107 -19.53 -2.19 -5.97
CA GLU A 107 -19.30 -0.93 -5.27
C GLU A 107 -18.03 -0.26 -5.79
N GLU A 108 -18.12 1.06 -5.98
CA GLU A 108 -17.04 1.82 -6.58
C GLU A 108 -15.82 1.86 -5.67
N LEU A 109 -14.64 1.89 -6.29
CA LEU A 109 -13.40 1.87 -5.51
C LEU A 109 -12.24 2.32 -6.39
N THR A 110 -11.40 3.19 -5.83
CA THR A 110 -10.21 3.68 -6.50
C THR A 110 -9.02 3.48 -5.56
N ILE A 111 -8.11 2.59 -5.93
CA ILE A 111 -6.97 2.21 -5.10
C ILE A 111 -5.72 2.86 -5.66
N LEU A 112 -5.00 3.58 -4.81
CA LEU A 112 -3.68 4.10 -5.13
C LEU A 112 -2.66 3.31 -4.31
N ASN A 113 -1.84 2.50 -4.99
CA ASN A 113 -0.78 1.73 -4.36
C ASN A 113 0.52 2.48 -4.61
N ILE A 114 1.14 2.98 -3.53
CA ILE A 114 2.22 3.95 -3.64
C ILE A 114 3.47 3.43 -2.94
N TYR A 115 4.64 3.73 -3.53
CA TYR A 115 5.94 3.52 -2.89
C TYR A 115 6.75 4.80 -3.05
N ALA A 116 6.89 5.57 -1.95
CA ALA A 116 7.69 6.79 -1.98
C ALA A 116 9.16 6.46 -1.71
N PRO A 117 10.08 7.21 -2.32
CA PRO A 117 11.49 7.04 -1.97
C PRO A 117 11.76 7.48 -0.55
N ASN A 118 12.89 7.01 0.01
CA ASN A 118 13.16 7.34 1.40
C ASN A 118 13.47 8.81 1.59
N THR A 119 14.23 9.40 0.67
CA THR A 119 14.57 10.82 0.77
C THR A 119 13.43 11.66 0.19
N GLY A 120 12.95 12.62 0.98
CA GLY A 120 11.86 13.47 0.57
C GLY A 120 10.57 12.72 0.36
N ALA A 121 10.21 11.87 1.32
CA ALA A 121 9.04 10.99 1.13
C ALA A 121 7.73 11.74 1.25
N PRO A 122 7.47 12.55 2.29
CA PRO A 122 6.14 13.20 2.38
C PRO A 122 5.85 14.16 1.24
N ARG A 123 6.87 14.91 0.78
CA ARG A 123 6.64 15.81 -0.35
C ARG A 123 6.35 15.03 -1.62
N PHE A 124 6.99 13.89 -1.82
CA PHE A 124 6.65 13.04 -2.96
C PHE A 124 5.23 12.52 -2.87
N ILE A 125 4.84 12.05 -1.68
CA ILE A 125 3.49 11.51 -1.52
C ILE A 125 2.45 12.56 -1.87
N LYS A 126 2.63 13.79 -1.36
CA LYS A 126 1.64 14.83 -1.65
C LYS A 126 1.72 15.33 -3.08
N GLN A 127 2.91 15.34 -3.67
CA GLN A 127 2.97 15.77 -5.06
C GLN A 127 2.21 14.81 -5.96
N VAL A 128 2.30 13.50 -5.68
CA VAL A 128 1.46 12.56 -6.43
C VAL A 128 -0.01 12.74 -6.05
N LEU A 129 -0.29 12.95 -4.76
CA LEU A 129 -1.66 13.03 -4.27
C LEU A 129 -2.41 14.19 -4.91
N SER A 130 -1.73 15.31 -5.14
CA SER A 130 -2.34 16.45 -5.79
C SER A 130 -2.05 16.50 -7.28
N ASP A 131 -1.12 15.69 -7.77
CA ASP A 131 -0.93 15.52 -9.21
C ASP A 131 -2.05 14.72 -9.82
N LEU A 132 -2.75 13.91 -9.01
CA LEU A 132 -3.79 13.04 -9.54
C LEU A 132 -5.21 13.41 -9.14
N GLN A 133 -5.42 14.47 -8.34
CA GLN A 133 -6.68 14.57 -7.61
C GLN A 133 -7.91 14.65 -8.49
N ARG A 134 -7.79 15.05 -9.76
CA ARG A 134 -8.94 14.94 -10.65
C ARG A 134 -9.44 13.51 -10.73
N ASP A 135 -8.53 12.54 -10.66
CA ASP A 135 -8.89 11.12 -10.60
C ASP A 135 -9.14 10.62 -9.19
N LEU A 136 -8.80 11.40 -8.16
CA LEU A 136 -9.14 11.09 -6.78
C LEU A 136 -10.62 11.38 -6.55
N ASP A 137 -11.19 10.80 -5.49
CA ASP A 137 -12.61 11.03 -5.24
C ASP A 137 -12.96 10.61 -3.81
N SER A 138 -14.25 10.39 -3.58
CA SER A 138 -14.81 10.08 -2.26
C SER A 138 -14.69 8.60 -1.90
N HIS A 139 -14.23 7.76 -2.82
CA HIS A 139 -14.11 6.32 -2.58
C HIS A 139 -12.66 5.85 -2.55
N THR A 140 -11.73 6.76 -2.29
CA THR A 140 -10.31 6.51 -2.50
C THR A 140 -9.71 5.67 -1.38
N LEU A 141 -8.72 4.84 -1.75
CA LEU A 141 -7.94 4.04 -0.80
C LEU A 141 -6.48 4.07 -1.26
N ILE A 142 -5.66 4.86 -0.58
CA ILE A 142 -4.24 5.04 -0.85
C ILE A 142 -3.47 4.25 0.20
N MET A 143 -2.79 3.19 -0.21
CA MET A 143 -2.01 2.43 0.74
C MET A 143 -0.62 2.14 0.19
N GLY A 144 0.23 1.61 1.07
CA GLY A 144 1.52 1.13 0.65
C GLY A 144 2.71 1.58 1.48
N ALA A 145 3.85 1.73 0.80
CA ALA A 145 5.13 1.96 1.45
C ALA A 145 5.38 3.47 1.48
N PHE A 146 4.82 4.12 2.50
CA PHE A 146 4.95 5.56 2.61
C PHE A 146 6.39 6.00 2.86
N ASN A 147 7.18 5.13 3.51
CA ASN A 147 8.57 5.43 3.88
C ASN A 147 8.65 6.68 4.77
N THR A 148 7.61 6.91 5.57
CA THR A 148 7.53 8.06 6.46
C THR A 148 6.52 7.74 7.56
N PRO A 149 6.65 8.34 8.73
CA PRO A 149 5.60 8.25 9.75
C PRO A 149 4.43 9.14 9.35
N LEU A 150 3.39 9.11 10.19
CA LEU A 150 2.24 10.00 10.01
C LEU A 150 1.90 10.67 11.33
N SER A 151 1.81 9.86 12.38
CA SER A 151 1.68 10.36 13.74
C SER A 151 3.01 10.19 14.46
N THR A 152 3.08 10.71 15.69
CA THR A 152 4.28 10.52 16.50
C THR A 152 4.44 9.08 16.94
N LEU A 153 3.38 8.28 16.88
CA LEU A 153 3.43 6.88 17.29
C LEU A 153 3.98 5.97 16.21
N ASP A 154 4.24 6.50 15.02
CA ASP A 154 4.76 5.68 13.92
C ASP A 154 6.28 5.51 13.99
N ARG A 155 6.92 5.98 15.06
CA ARG A 155 8.34 5.78 15.29
C ARG A 155 8.53 5.32 16.72
N SER A 156 9.34 4.27 16.93
CA SER A 156 9.61 3.80 18.27
C SER A 156 10.34 4.87 19.08
N THR A 157 11.23 5.62 18.43
CA THR A 157 11.93 6.73 19.08
C THR A 157 10.94 7.74 19.65
N ARG A 158 9.73 7.81 19.09
CA ARG A 158 8.68 8.75 19.47
C ARG A 158 9.08 10.19 19.22
N GLN A 159 10.26 10.42 18.62
CA GLN A 159 10.62 11.77 18.21
C GLN A 159 9.50 12.35 17.37
N LYS A 160 8.90 13.43 17.87
CA LYS A 160 7.68 13.90 17.26
C LYS A 160 7.97 14.50 15.88
N VAL A 161 6.91 14.64 15.12
CA VAL A 161 6.97 14.37 13.70
C VAL A 161 7.44 15.58 12.91
N ASN A 162 8.17 15.30 11.83
CA ASN A 162 8.71 16.27 10.87
C ASN A 162 7.67 17.29 10.40
N LYS A 163 8.13 18.40 9.82
CA LYS A 163 7.21 19.41 9.29
C LYS A 163 6.53 18.92 8.02
N ASP A 164 7.31 18.33 7.09
CA ASP A 164 6.73 17.84 5.85
C ASP A 164 5.67 16.79 6.11
N THR A 165 5.84 15.99 7.17
CA THR A 165 4.90 14.93 7.44
C THR A 165 3.56 15.47 7.97
N GLN A 166 3.59 16.49 8.82
CA GLN A 166 2.32 17.06 9.27
C GLN A 166 1.66 17.89 8.18
N GLU A 167 2.45 18.54 7.34
CA GLU A 167 1.90 19.12 6.12
C GLU A 167 1.19 18.07 5.27
N LEU A 168 1.75 16.86 5.22
CA LEU A 168 1.10 15.79 4.46
C LEU A 168 -0.16 15.30 5.15
N ASN A 169 -0.11 15.14 6.47
CA ASN A 169 -1.30 14.74 7.21
C ASN A 169 -2.40 15.79 7.13
N SER A 170 -2.06 17.02 6.75
CA SER A 170 -3.07 18.06 6.52
C SER A 170 -3.43 18.25 5.04
N ALA A 171 -2.57 17.84 4.11
CA ALA A 171 -3.00 17.75 2.72
C ALA A 171 -3.96 16.59 2.52
N LEU A 172 -3.76 15.50 3.27
CA LEU A 172 -4.82 14.52 3.46
C LEU A 172 -6.12 15.19 3.88
N HIS A 173 -6.01 16.14 4.81
CA HIS A 173 -7.19 16.83 5.34
C HIS A 173 -7.88 17.64 4.25
N GLN A 174 -7.15 18.51 3.56
CA GLN A 174 -7.74 19.36 2.53
C GLN A 174 -8.39 18.58 1.39
N ALA A 175 -8.22 17.26 1.34
CA ALA A 175 -8.97 16.40 0.43
C ALA A 175 -9.79 15.36 1.18
N ASP A 176 -9.93 15.53 2.49
CA ASP A 176 -10.72 14.64 3.36
C ASP A 176 -10.27 13.19 3.21
N LEU A 177 -8.96 12.97 3.24
CA LEU A 177 -8.37 11.65 3.33
C LEU A 177 -7.78 11.48 4.73
N ILE A 178 -7.94 10.29 5.30
CA ILE A 178 -7.51 10.07 6.68
C ILE A 178 -6.87 8.69 6.82
N ASP A 179 -5.97 8.59 7.80
CA ASP A 179 -5.17 7.39 8.04
C ASP A 179 -5.99 6.29 8.70
N ILE A 180 -6.69 5.49 7.91
CA ILE A 180 -7.59 4.45 8.40
C ILE A 180 -7.02 3.73 9.63
N TYR A 181 -5.73 3.38 9.61
CA TYR A 181 -5.17 2.63 10.74
C TYR A 181 -4.97 3.51 11.97
N ARG A 182 -4.44 4.72 11.79
CA ARG A 182 -4.19 5.58 12.95
C ARG A 182 -5.47 5.96 13.66
N THR A 183 -6.59 5.91 12.95
CA THR A 183 -7.83 6.49 13.41
C THR A 183 -8.85 5.44 13.79
N LEU A 184 -8.68 4.21 13.32
CA LEU A 184 -9.29 3.05 13.96
C LEU A 184 -8.38 2.45 15.01
N HIS A 185 -7.17 3.01 15.17
CA HIS A 185 -6.19 2.53 16.15
C HIS A 185 -5.23 3.65 16.52
N PRO A 186 -5.66 4.64 17.29
CA PRO A 186 -4.70 5.54 17.94
C PRO A 186 -4.23 4.92 19.25
N LYS A 187 -3.18 5.51 19.80
CA LYS A 187 -2.44 4.91 20.90
C LYS A 187 -2.01 3.49 20.53
N SER A 188 -1.31 3.39 19.39
CA SER A 188 -0.84 2.15 18.82
C SER A 188 0.65 1.97 19.09
N THR A 189 1.04 0.78 19.47
CA THR A 189 2.45 0.44 19.51
C THR A 189 2.64 -0.85 18.68
N GLU A 190 2.10 -0.84 17.47
CA GLU A 190 2.42 -1.85 16.47
C GLU A 190 3.17 -1.18 15.33
N TYR A 191 4.21 -1.85 14.85
CA TYR A 191 5.08 -1.29 13.84
C TYR A 191 5.22 -2.26 12.67
N THR A 192 5.57 -1.72 11.51
CA THR A 192 5.70 -2.51 10.30
C THR A 192 7.14 -2.76 9.87
N PHE A 193 8.08 -1.91 10.26
CA PHE A 193 9.49 -2.06 9.87
C PHE A 193 10.38 -1.98 11.10
N PHE A 194 11.42 -2.81 11.11
CA PHE A 194 12.45 -2.78 12.15
C PHE A 194 13.79 -2.48 11.49
N SER A 195 14.41 -1.37 11.89
CA SER A 195 15.72 -0.97 11.40
C SER A 195 16.79 -1.52 12.33
N ALA A 196 17.51 -2.54 11.85
CA ALA A 196 18.60 -3.21 12.54
C ALA A 196 19.81 -2.31 12.78
N PRO A 197 20.25 -1.49 11.81
CA PRO A 197 21.39 -0.60 12.08
C PRO A 197 21.20 0.29 13.28
N HIS A 198 19.96 0.55 13.67
CA HIS A 198 19.66 1.45 14.77
C HIS A 198 18.89 0.79 15.90
N HIS A 199 18.47 -0.47 15.71
CA HIS A 199 17.59 -1.15 16.65
C HIS A 199 16.37 -0.28 16.95
N THR A 200 15.79 0.28 15.90
CA THR A 200 14.57 1.08 16.06
C THR A 200 13.42 0.41 15.32
N TYR A 201 12.21 0.88 15.61
CA TYR A 201 11.00 0.40 14.96
C TYR A 201 10.23 1.59 14.40
N SER A 202 9.53 1.35 13.30
CA SER A 202 8.71 2.39 12.70
C SER A 202 7.53 1.77 11.99
N LYS A 203 6.50 2.58 11.80
CA LYS A 203 5.35 2.25 10.96
C LYS A 203 5.43 3.19 9.77
N ILE A 204 6.18 2.78 8.74
CA ILE A 204 6.32 3.56 7.52
C ILE A 204 5.41 3.07 6.42
N ASP A 205 4.70 1.97 6.64
CA ASP A 205 3.70 1.45 5.72
C ASP A 205 2.31 1.77 6.24
N HIS A 206 1.39 2.14 5.35
CA HIS A 206 0.14 2.74 5.81
C HIS A 206 -1.04 2.38 4.93
N ILE A 207 -2.22 2.63 5.49
CA ILE A 207 -3.51 2.54 4.80
C ILE A 207 -4.25 3.83 5.07
N VAL A 208 -4.61 4.56 4.01
CA VAL A 208 -5.15 5.91 4.10
C VAL A 208 -6.32 6.01 3.14
N GLY A 209 -7.51 6.21 3.67
CA GLY A 209 -8.64 6.23 2.77
C GLY A 209 -9.49 7.48 2.85
N SER A 210 -10.56 7.50 2.07
CA SER A 210 -11.53 8.58 2.20
C SER A 210 -12.31 8.39 3.47
N LYS A 211 -12.66 9.52 4.07
CA LYS A 211 -13.47 9.50 5.28
C LYS A 211 -14.87 8.97 5.00
N ALA A 212 -15.38 9.17 3.79
CA ALA A 212 -16.65 8.57 3.39
C ALA A 212 -16.73 7.12 3.84
N LEU A 213 -15.72 6.31 3.49
CA LEU A 213 -15.59 4.88 3.73
C LEU A 213 -15.28 4.52 5.19
N LEU A 214 -15.16 5.46 6.12
CA LEU A 214 -15.01 5.11 7.53
C LEU A 214 -16.05 4.09 7.96
N SER A 215 -17.30 4.53 7.95
CA SER A 215 -18.47 3.68 7.73
C SER A 215 -18.14 2.22 7.51
N LYS A 216 -17.50 1.93 6.37
CA LYS A 216 -17.38 0.55 5.89
C LYS A 216 -16.24 -0.18 6.59
N CYS A 217 -15.17 0.54 6.92
CA CYS A 217 -14.00 -0.08 7.55
C CYS A 217 -14.44 -0.77 8.83
N LYS A 218 -14.12 -2.06 8.91
CA LYS A 218 -14.50 -2.88 10.06
C LYS A 218 -13.31 -3.18 10.96
N ARG A 219 -12.20 -3.65 10.39
CA ARG A 219 -11.10 -4.20 11.17
C ARG A 219 -9.80 -3.95 10.42
N THR A 220 -8.72 -3.75 11.18
CA THR A 220 -7.38 -3.71 10.64
C THR A 220 -6.51 -4.69 11.40
N GLU A 221 -5.34 -5.00 10.83
CA GLU A 221 -4.46 -5.99 11.42
C GLU A 221 -3.06 -5.85 10.84
N ILE A 222 -2.08 -6.39 11.56
CA ILE A 222 -0.68 -6.32 11.17
C ILE A 222 -0.08 -7.72 11.27
N ILE A 223 0.55 -8.17 10.19
CA ILE A 223 0.96 -9.56 10.03
C ILE A 223 2.48 -9.63 9.86
N THR A 224 3.13 -10.34 10.77
CA THR A 224 4.53 -10.71 10.61
C THR A 224 4.65 -11.78 9.53
N ASN A 225 5.75 -11.75 8.79
CA ASN A 225 5.96 -12.74 7.73
C ASN A 225 7.45 -13.02 7.58
N LYS A 226 7.73 -14.17 6.98
CA LYS A 226 9.08 -14.59 6.65
C LYS A 226 9.53 -14.11 5.28
N LEU A 227 8.70 -13.35 4.57
CA LEU A 227 9.00 -12.94 3.22
C LEU A 227 9.83 -11.67 3.16
N SER A 228 9.63 -10.74 4.08
CA SER A 228 10.23 -9.42 3.98
C SER A 228 10.59 -8.91 5.37
N ASP A 229 11.43 -7.87 5.40
CA ASP A 229 11.70 -7.16 6.64
C ASP A 229 10.63 -6.13 6.94
N HIS A 230 9.56 -6.08 6.14
CA HIS A 230 8.38 -5.28 6.43
C HIS A 230 7.24 -6.22 6.83
N SER A 231 6.27 -5.66 7.54
CA SER A 231 5.08 -6.40 7.94
C SER A 231 3.89 -5.96 7.10
N ALA A 232 2.96 -6.89 6.89
CA ALA A 232 1.80 -6.62 6.06
C ALA A 232 0.67 -6.03 6.90
N ILE A 233 -0.22 -5.29 6.23
CA ILE A 233 -1.37 -4.67 6.89
C ILE A 233 -2.64 -5.18 6.20
N LYS A 234 -3.51 -5.82 6.99
CA LYS A 234 -4.78 -6.33 6.50
C LYS A 234 -5.92 -5.39 6.90
N LEU A 235 -6.94 -5.33 6.06
CA LEU A 235 -8.09 -4.45 6.25
C LEU A 235 -9.34 -5.19 5.83
N GLU A 236 -10.23 -5.48 6.79
CA GLU A 236 -11.54 -6.05 6.51
C GLU A 236 -12.52 -4.93 6.14
N LEU A 237 -13.32 -5.18 5.11
CA LEU A 237 -14.23 -4.16 4.63
C LEU A 237 -15.70 -4.42 4.93
N ARG A 238 -16.05 -5.65 5.32
CA ARG A 238 -17.42 -5.93 5.77
C ARG A 238 -17.48 -7.13 6.71
#